data_1GWB
#
_entry.id   1GWB
#
_cell.length_a   202.000
_cell.length_b   202.000
_cell.length_c   128.000
_cell.angle_alpha   90.00
_cell.angle_beta   90.00
_cell.angle_gamma   120.00
#
_symmetry.space_group_name_H-M   'P 64 2 2'
#
loop_
_entity.id
_entity.type
_entity.pdbx_description
1 polymer 'PLATELET GLYCOPROTEIN IB ALPHA CHAIN'
2 non-polymer 'PLATINUM (II) ION'
3 non-polymer 'ACETIC ACID'
4 non-polymer 2-acetamido-2-deoxy-beta-D-glucopyranose
5 non-polymer 'SULFATE ION'
6 water water
#
_entity_poly.entity_id   1
_entity_poly.type   'polypeptide(L)'
_entity_poly.pdbx_seq_one_letter_code
;PHPICEVSKVASHLEVNCDKRNLTALPPDLPKDTTILHLSENLLYTFSLATLMPYTRLTQLNLDRCELTKLQVDGTLPVL
GTLDLSHNQLQSLPLLGQTLPALTVLDVSFNRLTSLPLGALRGLGELQELYLKGNELKTLPPGLLTPTPKLEKLSLANNN
LTELPAGLLNGLENLDTLLLQENSLYTIPKGFFGSHLLPFAFLHGNPWLCNCEILYFRRWLQDNAENVYVWKQGVDVKAM
TSNVASVQCDNSDKFPVYKYPGKGCPTLGDEGDTDL(TYS)D(TYS)(TYS)P
;
_entity_poly.pdbx_strand_id   A,B
#
loop_
_chem_comp.id
_chem_comp.type
_chem_comp.name
_chem_comp.formula
ACY non-polymer 'ACETIC ACID' 'C2 H4 O2'
NAG D-saccharide, beta linking 2-acetamido-2-deoxy-beta-D-glucopyranose 'C8 H15 N O6'
PT non-polymer 'PLATINUM (II) ION' 'Pt 2'
SO4 non-polymer 'SULFATE ION' 'O4 S -2'
#
# COMPACT_ATOMS: atom_id res chain seq x y z
N PRO A 3 -41.27 1.53 1.26
CA PRO A 3 -39.89 1.67 1.78
C PRO A 3 -38.92 2.21 0.72
N ILE A 4 -39.34 2.11 -0.55
CA ILE A 4 -38.58 2.56 -1.73
C ILE A 4 -37.12 2.10 -1.86
N CYS A 5 -36.24 2.53 -0.96
CA CYS A 5 -34.84 2.13 -1.04
C CYS A 5 -34.48 1.07 -0.02
N GLU A 6 -34.13 1.51 1.20
CA GLU A 6 -33.73 0.65 2.31
C GLU A 6 -32.57 1.34 3.02
N VAL A 7 -32.65 1.43 4.33
CA VAL A 7 -31.59 2.08 5.09
C VAL A 7 -30.98 1.15 6.14
N SER A 8 -29.77 1.48 6.58
CA SER A 8 -29.08 0.68 7.58
C SER A 8 -28.15 1.63 8.34
N LYS A 9 -27.58 1.16 9.44
CA LYS A 9 -26.67 1.99 10.21
C LYS A 9 -25.48 1.22 10.78
N VAL A 10 -24.30 1.49 10.25
CA VAL A 10 -23.08 0.85 10.70
C VAL A 10 -22.27 1.91 11.44
N ALA A 11 -22.57 2.09 12.72
CA ALA A 11 -21.90 3.09 13.53
C ALA A 11 -22.29 4.45 12.94
N SER A 12 -21.32 5.14 12.35
CA SER A 12 -21.59 6.45 11.72
C SER A 12 -22.60 6.22 10.61
N HIS A 13 -22.10 5.63 9.53
CA HIS A 13 -22.85 5.31 8.32
C HIS A 13 -24.37 5.16 8.45
N LEU A 14 -25.04 5.54 7.37
CA LEU A 14 -26.48 5.46 7.23
C LEU A 14 -26.58 5.19 5.74
N GLU A 15 -26.45 3.91 5.38
CA GLU A 15 -26.49 3.51 3.98
C GLU A 15 -27.86 3.50 3.37
N VAL A 16 -27.93 3.82 2.07
CA VAL A 16 -29.17 3.86 1.34
C VAL A 16 -28.98 3.03 0.07
N ASN A 17 -29.68 1.91 -0.01
CA ASN A 17 -29.55 1.05 -1.19
C ASN A 17 -30.78 1.16 -2.08
N CYS A 18 -30.60 1.63 -3.30
CA CYS A 18 -31.71 1.73 -4.24
C CYS A 18 -31.28 1.19 -5.60
N ASP A 19 -30.73 -0.01 -5.63
CA ASP A 19 -30.29 -0.60 -6.90
C ASP A 19 -31.45 -1.31 -7.58
N LYS A 20 -31.29 -1.63 -8.87
CA LYS A 20 -32.34 -2.29 -9.65
C LYS A 20 -33.70 -1.82 -9.17
N ARG A 21 -34.17 -0.72 -9.73
CA ARG A 21 -35.45 -0.18 -9.31
C ARG A 21 -36.08 0.70 -10.37
N ASN A 22 -35.50 0.68 -11.58
CA ASN A 22 -36.02 1.50 -12.67
C ASN A 22 -36.36 2.86 -12.06
N LEU A 23 -35.34 3.61 -11.63
CA LEU A 23 -35.58 4.89 -10.99
C LEU A 23 -35.77 6.13 -11.86
N THR A 24 -35.08 6.22 -13.00
CA THR A 24 -35.26 7.39 -13.86
C THR A 24 -34.69 8.69 -13.27
N ALA A 25 -34.84 8.85 -11.96
CA ALA A 25 -34.35 10.03 -11.27
C ALA A 25 -34.19 9.72 -9.79
N LEU A 26 -33.45 10.57 -9.09
CA LEU A 26 -33.21 10.36 -7.67
C LEU A 26 -34.52 10.35 -6.88
N PRO A 27 -34.73 9.32 -6.05
CA PRO A 27 -35.93 9.18 -5.23
C PRO A 27 -36.08 10.34 -4.26
N PRO A 28 -37.34 10.72 -3.96
CA PRO A 28 -37.63 11.83 -3.03
C PRO A 28 -37.07 11.70 -1.62
N ASP A 29 -37.71 10.85 -0.81
CA ASP A 29 -37.34 10.63 0.59
C ASP A 29 -35.86 10.74 0.96
N LEU A 30 -35.01 9.90 0.35
CA LEU A 30 -33.58 9.90 0.64
C LEU A 30 -33.23 10.64 1.92
N PRO A 31 -33.07 9.91 3.03
CA PRO A 31 -32.75 10.47 4.35
C PRO A 31 -31.56 11.41 4.39
N LYS A 32 -31.81 12.69 4.09
CA LYS A 32 -30.77 13.71 4.11
C LYS A 32 -29.88 13.52 5.33
N ASP A 33 -28.78 12.81 5.11
CA ASP A 33 -27.82 12.48 6.15
C ASP A 33 -27.22 11.15 5.69
N THR A 34 -27.55 10.79 4.45
CA THR A 34 -27.07 9.58 3.83
C THR A 34 -25.56 9.73 3.67
N THR A 35 -24.83 8.68 4.03
CA THR A 35 -23.38 8.69 3.92
C THR A 35 -22.93 7.87 2.72
N ILE A 36 -23.73 6.88 2.33
CA ILE A 36 -23.40 6.06 1.18
C ILE A 36 -24.65 5.63 0.43
N LEU A 37 -24.82 6.21 -0.76
CA LEU A 37 -25.97 5.93 -1.61
C LEU A 37 -25.65 4.99 -2.76
N HIS A 38 -26.48 3.96 -2.92
CA HIS A 38 -26.29 2.99 -3.98
C HIS A 38 -27.42 3.17 -5.00
N LEU A 39 -27.07 3.60 -6.20
CA LEU A 39 -28.07 3.80 -7.26
C LEU A 39 -27.68 2.97 -8.48
N SER A 40 -27.10 1.81 -8.23
CA SER A 40 -26.64 0.93 -9.30
C SER A 40 -27.77 0.32 -10.12
N GLU A 41 -27.47 0.08 -11.40
CA GLU A 41 -28.42 -0.50 -12.34
C GLU A 41 -29.85 0.03 -12.21
N ASN A 42 -30.04 1.23 -12.74
CA ASN A 42 -31.30 1.93 -12.76
C ASN A 42 -31.32 2.71 -14.06
N LEU A 43 -32.42 3.40 -14.34
CA LEU A 43 -32.53 4.18 -15.55
C LEU A 43 -32.26 5.63 -15.16
N LEU A 44 -31.32 6.29 -15.83
CA LEU A 44 -31.00 7.66 -15.48
C LEU A 44 -30.67 8.49 -16.72
N TYR A 45 -29.80 7.96 -17.57
CA TYR A 45 -29.37 8.62 -18.82
C TYR A 45 -28.69 9.95 -18.57
N THR A 46 -29.17 10.69 -17.58
CA THR A 46 -28.63 11.99 -17.21
C THR A 46 -28.71 12.18 -15.72
N PHE A 47 -27.68 12.79 -15.15
CA PHE A 47 -27.64 13.05 -13.72
C PHE A 47 -26.72 14.23 -13.44
N SER A 48 -27.04 15.00 -12.41
CA SER A 48 -26.22 16.16 -12.05
C SER A 48 -25.81 16.09 -10.60
N LEU A 49 -24.51 16.04 -10.36
CA LEU A 49 -24.00 15.96 -9.00
C LEU A 49 -24.60 17.10 -8.19
N ALA A 50 -25.07 18.11 -8.91
CA ALA A 50 -25.69 19.26 -8.29
C ALA A 50 -26.88 18.87 -7.41
N THR A 51 -27.76 18.03 -7.95
CA THR A 51 -28.94 17.61 -7.21
C THR A 51 -28.64 16.84 -5.94
N LEU A 52 -27.38 16.51 -5.71
CA LEU A 52 -27.01 15.77 -4.50
C LEU A 52 -26.59 16.72 -3.38
N MET A 53 -26.31 17.97 -3.76
CA MET A 53 -25.89 19.03 -2.84
C MET A 53 -26.52 18.96 -1.45
N PRO A 54 -27.80 18.59 -1.37
CA PRO A 54 -28.44 18.52 -0.04
C PRO A 54 -27.85 17.49 0.92
N TYR A 55 -27.16 16.47 0.41
CA TYR A 55 -26.59 15.45 1.26
C TYR A 55 -25.11 15.73 1.59
N THR A 56 -24.94 16.51 2.66
CA THR A 56 -23.62 16.93 3.13
C THR A 56 -22.70 15.79 3.50
N ARG A 57 -23.28 14.71 4.00
CA ARG A 57 -22.47 13.59 4.43
C ARG A 57 -22.25 12.49 3.39
N LEU A 58 -22.88 12.63 2.22
CA LEU A 58 -22.72 11.65 1.16
C LEU A 58 -21.23 11.44 0.98
N THR A 59 -20.79 10.20 1.05
CA THR A 59 -19.37 9.89 0.92
C THR A 59 -19.08 8.90 -0.19
N GLN A 60 -20.06 8.09 -0.55
CA GLN A 60 -19.88 7.14 -1.63
C GLN A 60 -21.11 7.12 -2.51
N LEU A 61 -20.91 7.31 -3.80
CA LEU A 61 -22.00 7.31 -4.75
C LEU A 61 -21.71 6.31 -5.87
N ASN A 62 -22.66 5.41 -6.11
CA ASN A 62 -22.49 4.43 -7.17
C ASN A 62 -23.51 4.67 -8.26
N LEU A 63 -23.09 5.23 -9.39
CA LEU A 63 -23.99 5.46 -10.49
C LEU A 63 -23.64 4.37 -11.49
N ASP A 64 -23.21 3.26 -10.91
CA ASP A 64 -22.80 2.05 -11.59
C ASP A 64 -23.90 1.42 -12.44
N ARG A 65 -23.71 1.41 -13.77
CA ARG A 65 -24.68 0.82 -14.69
C ARG A 65 -26.03 1.51 -14.68
N CYS A 66 -26.08 2.74 -15.18
CA CYS A 66 -27.33 3.49 -15.20
C CYS A 66 -27.59 4.17 -16.53
N GLU A 67 -27.17 3.54 -17.62
CA GLU A 67 -27.37 4.09 -18.97
C GLU A 67 -26.92 5.54 -19.12
N LEU A 68 -26.21 6.07 -18.11
CA LEU A 68 -25.73 7.44 -18.14
C LEU A 68 -25.00 7.77 -19.44
N THR A 69 -25.25 8.96 -19.97
CA THR A 69 -24.59 9.41 -21.19
C THR A 69 -24.04 10.79 -20.93
N LYS A 70 -24.53 11.39 -19.85
CA LYS A 70 -24.08 12.72 -19.44
C LYS A 70 -24.19 12.88 -17.94
N LEU A 71 -23.23 13.62 -17.39
CA LEU A 71 -23.18 13.89 -15.96
C LEU A 71 -22.57 15.27 -15.85
N GLN A 72 -23.34 16.26 -15.39
CA GLN A 72 -22.77 17.59 -15.25
C GLN A 72 -22.34 17.81 -13.81
N VAL A 73 -21.21 18.49 -13.65
CA VAL A 73 -20.63 18.75 -12.35
C VAL A 73 -20.93 20.16 -11.81
N ASP A 74 -21.22 20.27 -10.51
CA ASP A 74 -21.52 21.55 -9.89
C ASP A 74 -21.27 21.69 -8.37
N GLY A 75 -20.26 22.47 -8.04
CA GLY A 75 -19.89 22.78 -6.65
C GLY A 75 -19.88 21.82 -5.47
N THR A 76 -20.90 21.93 -4.62
CA THR A 76 -21.01 21.13 -3.40
C THR A 76 -20.69 19.64 -3.57
N LEU A 77 -20.54 18.95 -2.43
CA LEU A 77 -20.19 17.52 -2.30
C LEU A 77 -18.73 17.48 -1.87
N PRO A 78 -18.41 18.18 -0.77
CA PRO A 78 -17.07 18.30 -0.19
C PRO A 78 -16.45 17.09 0.50
N VAL A 79 -17.23 16.04 0.77
CA VAL A 79 -16.66 14.86 1.43
C VAL A 79 -16.79 13.59 0.60
N LEU A 80 -17.36 13.71 -0.59
CA LEU A 80 -17.54 12.57 -1.48
C LEU A 80 -16.14 12.00 -1.70
N GLY A 81 -15.92 10.78 -1.24
CA GLY A 81 -14.62 10.14 -1.37
C GLY A 81 -14.51 9.19 -2.54
N THR A 82 -15.58 8.45 -2.82
CA THR A 82 -15.54 7.53 -3.95
C THR A 82 -16.77 7.68 -4.83
N LEU A 83 -16.54 7.65 -6.14
CA LEU A 83 -17.60 7.79 -7.13
C LEU A 83 -17.42 6.77 -8.25
N ASP A 84 -18.40 5.90 -8.42
CA ASP A 84 -18.31 4.89 -9.46
C ASP A 84 -19.26 5.14 -10.64
N LEU A 85 -18.68 5.32 -11.83
CA LEU A 85 -19.45 5.55 -13.04
C LEU A 85 -19.24 4.33 -13.95
N SER A 86 -19.05 3.19 -13.30
CA SER A 86 -18.82 1.90 -13.96
C SER A 86 -19.94 1.49 -14.91
N HIS A 87 -19.56 0.97 -16.07
CA HIS A 87 -20.52 0.51 -17.07
C HIS A 87 -21.66 1.49 -17.35
N ASN A 88 -21.38 2.46 -18.23
CA ASN A 88 -22.38 3.46 -18.61
C ASN A 88 -22.17 3.83 -20.07
N GLN A 89 -22.53 5.05 -20.43
CA GLN A 89 -22.41 5.47 -21.83
C GLN A 89 -21.76 6.82 -22.06
N LEU A 90 -21.25 7.47 -21.02
CA LEU A 90 -20.62 8.78 -21.22
C LEU A 90 -19.49 8.70 -22.24
N GLN A 91 -19.51 9.62 -23.20
CA GLN A 91 -18.50 9.65 -24.24
C GLN A 91 -17.41 10.67 -23.98
N SER A 92 -17.43 11.27 -22.80
CA SER A 92 -16.44 12.26 -22.45
C SER A 92 -16.25 12.24 -20.93
N LEU A 93 -14.99 12.31 -20.47
CA LEU A 93 -14.72 12.26 -19.05
C LEU A 93 -15.09 13.57 -18.39
N PRO A 94 -16.02 13.52 -17.43
CA PRO A 94 -16.44 14.73 -16.73
C PRO A 94 -15.36 15.31 -15.83
N LEU A 95 -15.15 16.62 -15.94
CA LEU A 95 -14.16 17.32 -15.13
C LEU A 95 -14.74 17.41 -13.73
N LEU A 96 -14.28 16.54 -12.83
CA LEU A 96 -14.80 16.51 -11.47
C LEU A 96 -13.97 17.28 -10.46
N GLY A 97 -12.74 17.63 -10.87
CA GLY A 97 -11.82 18.32 -9.98
C GLY A 97 -12.26 19.56 -9.23
N GLN A 98 -13.23 20.29 -9.74
CA GLN A 98 -13.63 21.49 -9.06
C GLN A 98 -14.82 21.30 -8.13
N THR A 99 -15.42 20.12 -8.12
CA THR A 99 -16.56 19.91 -7.24
C THR A 99 -16.47 18.66 -6.35
N LEU A 100 -15.39 17.90 -6.49
CA LEU A 100 -15.17 16.69 -5.69
C LEU A 100 -13.75 16.72 -5.14
N PRO A 101 -13.42 17.73 -4.36
CA PRO A 101 -12.09 17.90 -3.76
C PRO A 101 -11.62 16.75 -2.87
N ALA A 102 -12.54 15.97 -2.33
CA ALA A 102 -12.17 14.86 -1.45
C ALA A 102 -12.17 13.51 -2.15
N LEU A 103 -12.42 13.52 -3.45
CA LEU A 103 -12.47 12.29 -4.22
C LEU A 103 -11.14 11.55 -4.09
N THR A 104 -11.18 10.27 -3.70
CA THR A 104 -9.95 9.48 -3.56
C THR A 104 -9.96 8.25 -4.48
N VAL A 105 -11.14 7.90 -4.98
CA VAL A 105 -11.24 6.77 -5.89
C VAL A 105 -12.30 7.05 -6.93
N LEU A 106 -11.87 7.18 -8.18
CA LEU A 106 -12.76 7.45 -9.29
C LEU A 106 -12.76 6.26 -10.24
N ASP A 107 -13.95 5.82 -10.64
CA ASP A 107 -14.07 4.69 -11.55
C ASP A 107 -15.00 4.99 -12.72
N VAL A 108 -14.45 5.22 -13.90
CA VAL A 108 -15.30 5.49 -15.05
C VAL A 108 -15.00 4.46 -16.12
N SER A 109 -14.56 3.29 -15.68
CA SER A 109 -14.21 2.20 -16.60
C SER A 109 -15.45 1.56 -17.22
N PHE A 110 -15.31 1.11 -18.46
CA PHE A 110 -16.38 0.47 -19.24
C PHE A 110 -17.44 1.46 -19.70
N ASN A 111 -17.00 2.40 -20.52
CA ASN A 111 -17.86 3.44 -21.06
C ASN A 111 -17.51 3.68 -22.52
N ARG A 112 -17.95 4.81 -23.06
CA ARG A 112 -17.67 5.16 -24.44
C ARG A 112 -16.65 6.28 -24.51
N LEU A 113 -15.74 6.30 -23.56
CA LEU A 113 -14.69 7.31 -23.55
C LEU A 113 -13.73 7.01 -24.68
N THR A 114 -13.40 8.02 -25.47
CA THR A 114 -12.47 7.81 -26.56
C THR A 114 -11.21 8.62 -26.30
N SER A 115 -11.28 9.47 -25.29
CA SER A 115 -10.13 10.27 -24.89
C SER A 115 -10.45 11.15 -23.69
N LEU A 116 -9.41 11.71 -23.08
CA LEU A 116 -9.58 12.54 -21.90
C LEU A 116 -9.24 14.01 -22.16
N PRO A 117 -10.03 14.93 -21.59
CA PRO A 117 -9.83 16.36 -21.74
C PRO A 117 -8.44 16.75 -21.27
N LEU A 118 -8.09 18.02 -21.44
CA LEU A 118 -6.78 18.50 -21.04
C LEU A 118 -6.57 18.37 -19.54
N GLY A 119 -6.93 19.41 -18.79
CA GLY A 119 -6.78 19.37 -17.34
C GLY A 119 -7.71 18.40 -16.63
N ALA A 120 -8.01 17.28 -17.28
CA ALA A 120 -8.90 16.25 -16.75
C ALA A 120 -8.92 16.09 -15.24
N LEU A 121 -7.91 15.42 -14.72
CA LEU A 121 -7.84 15.18 -13.28
C LEU A 121 -7.31 16.36 -12.49
N ARG A 122 -7.52 17.57 -12.98
CA ARG A 122 -7.07 18.74 -12.25
C ARG A 122 -8.04 19.04 -11.12
N GLY A 123 -7.49 19.45 -9.98
CA GLY A 123 -8.35 19.77 -8.85
C GLY A 123 -8.50 18.66 -7.82
N LEU A 124 -8.51 17.42 -8.26
CA LEU A 124 -8.64 16.32 -7.31
C LEU A 124 -7.28 15.68 -7.00
N GLY A 125 -6.49 16.41 -6.21
CA GLY A 125 -5.16 15.94 -5.84
C GLY A 125 -5.16 15.09 -4.59
N GLU A 126 -6.27 14.38 -4.37
CA GLU A 126 -6.41 13.52 -3.22
C GLU A 126 -6.72 12.11 -3.74
N LEU A 127 -6.85 12.02 -5.07
CA LEU A 127 -7.15 10.77 -5.77
C LEU A 127 -6.09 9.70 -5.50
N GLN A 128 -6.52 8.47 -5.29
CA GLN A 128 -5.61 7.36 -5.04
C GLN A 128 -5.88 6.20 -5.99
N GLU A 129 -7.10 6.14 -6.51
CA GLU A 129 -7.44 5.08 -7.43
C GLU A 129 -8.21 5.57 -8.64
N LEU A 130 -7.68 5.31 -9.83
CA LEU A 130 -8.32 5.71 -11.07
C LEU A 130 -8.53 4.49 -11.97
N TYR A 131 -9.77 4.26 -12.41
CA TYR A 131 -10.10 3.10 -13.24
C TYR A 131 -10.75 3.51 -14.57
N LEU A 132 -10.06 3.28 -15.67
CA LEU A 132 -10.61 3.63 -16.98
C LEU A 132 -10.55 2.41 -17.89
N LYS A 133 -10.74 1.23 -17.31
CA LYS A 133 -10.69 0.00 -18.10
C LYS A 133 -11.95 -0.21 -18.94
N GLY A 134 -11.78 -0.70 -20.16
CA GLY A 134 -12.94 -0.96 -21.00
C GLY A 134 -13.37 0.15 -21.93
N ASN A 135 -12.62 1.23 -21.97
CA ASN A 135 -12.97 2.34 -22.86
C ASN A 135 -12.19 2.21 -24.14
N GLU A 136 -11.95 3.32 -24.82
CA GLU A 136 -11.19 3.31 -26.06
C GLU A 136 -9.88 4.04 -25.78
N LEU A 137 -9.82 5.32 -26.13
CA LEU A 137 -8.62 6.11 -25.89
C LEU A 137 -7.43 5.55 -26.67
N LYS A 138 -6.79 6.40 -27.47
CA LYS A 138 -5.63 5.94 -28.22
C LYS A 138 -4.44 6.72 -27.70
N THR A 139 -4.72 7.79 -26.97
CA THR A 139 -3.67 8.61 -26.44
C THR A 139 -4.09 9.23 -25.11
N LEU A 140 -3.10 9.68 -24.34
CA LEU A 140 -3.36 10.28 -23.04
C LEU A 140 -2.79 11.68 -22.92
N PRO A 141 -3.63 12.63 -22.48
CA PRO A 141 -3.17 14.02 -22.32
C PRO A 141 -1.94 14.13 -21.43
N PRO A 142 -0.95 14.93 -21.87
CA PRO A 142 0.31 15.17 -21.18
C PRO A 142 0.08 15.77 -19.81
N GLY A 143 0.65 15.15 -18.78
CA GLY A 143 0.49 15.66 -17.44
C GLY A 143 -0.83 15.16 -16.87
N LEU A 144 -1.31 14.03 -17.37
CA LEU A 144 -2.55 13.45 -16.92
C LEU A 144 -2.54 13.20 -15.41
N LEU A 145 -1.45 12.65 -14.90
CA LEU A 145 -1.39 12.34 -13.47
C LEU A 145 -0.66 13.37 -12.61
N THR A 146 -0.25 14.48 -13.19
CA THR A 146 0.43 15.49 -12.40
C THR A 146 -0.39 15.97 -11.21
N PRO A 147 -1.69 16.18 -11.42
CA PRO A 147 -2.59 16.65 -10.35
C PRO A 147 -2.86 15.65 -9.24
N THR A 148 -2.59 14.38 -9.50
CA THR A 148 -2.84 13.31 -8.53
C THR A 148 -1.55 12.67 -8.01
N PRO A 149 -0.71 13.46 -7.31
CA PRO A 149 0.56 12.95 -6.77
C PRO A 149 0.53 11.70 -5.88
N LYS A 150 -0.58 11.40 -5.23
CA LYS A 150 -0.61 10.22 -4.38
C LYS A 150 -1.40 9.05 -4.94
N LEU A 151 -1.47 8.96 -6.26
CA LEU A 151 -2.16 7.89 -6.96
C LEU A 151 -1.53 6.54 -6.59
N GLU A 152 -2.35 5.53 -6.33
CA GLU A 152 -1.83 4.21 -5.97
C GLU A 152 -2.21 3.14 -6.98
N LYS A 153 -3.46 3.12 -7.39
CA LYS A 153 -3.91 2.15 -8.38
C LYS A 153 -4.28 2.92 -9.64
N LEU A 154 -3.87 2.43 -10.79
CA LEU A 154 -4.17 3.07 -12.07
C LEU A 154 -4.41 1.97 -13.11
N SER A 155 -5.58 1.98 -13.74
CA SER A 155 -5.91 0.95 -14.74
C SER A 155 -6.44 1.47 -16.06
N LEU A 156 -5.66 1.31 -17.11
CA LEU A 156 -6.06 1.73 -18.44
C LEU A 156 -6.19 0.46 -19.26
N ALA A 157 -6.38 -0.65 -18.55
CA ALA A 157 -6.52 -1.97 -19.19
C ALA A 157 -7.62 -1.98 -20.23
N ASN A 158 -7.44 -2.82 -21.25
CA ASN A 158 -8.41 -2.96 -22.33
C ASN A 158 -8.89 -1.65 -22.93
N ASN A 159 -8.00 -0.98 -23.64
CA ASN A 159 -8.36 0.26 -24.31
C ASN A 159 -7.82 0.15 -25.71
N ASN A 160 -7.21 1.21 -26.22
CA ASN A 160 -6.65 1.19 -27.56
C ASN A 160 -5.40 2.04 -27.58
N LEU A 161 -4.76 2.17 -26.43
CA LEU A 161 -3.54 2.97 -26.32
C LEU A 161 -2.49 2.43 -27.27
N THR A 162 -1.98 3.29 -28.15
CA THR A 162 -0.96 2.86 -29.09
C THR A 162 0.41 3.07 -28.45
N GLU A 163 0.56 4.21 -27.78
CA GLU A 163 1.79 4.54 -27.09
C GLU A 163 1.37 5.38 -25.91
N LEU A 164 2.26 5.53 -24.92
CA LEU A 164 1.95 6.32 -23.75
C LEU A 164 3.12 7.19 -23.33
N PRO A 165 2.84 8.40 -22.80
CA PRO A 165 3.85 9.38 -22.36
C PRO A 165 5.05 8.78 -21.63
N ALA A 166 6.23 9.28 -21.94
CA ALA A 166 7.44 8.78 -21.29
C ALA A 166 7.50 9.27 -19.84
N GLY A 167 6.56 10.13 -19.46
CA GLY A 167 6.57 10.65 -18.10
C GLY A 167 5.25 10.50 -17.36
N LEU A 168 4.43 9.57 -17.82
CA LEU A 168 3.13 9.32 -17.25
C LEU A 168 3.20 9.09 -15.74
N LEU A 169 4.09 8.18 -15.33
CA LEU A 169 4.23 7.80 -13.92
C LEU A 169 5.23 8.59 -13.08
N ASN A 170 5.70 9.73 -13.60
CA ASN A 170 6.64 10.55 -12.86
C ASN A 170 6.04 11.06 -11.56
N GLY A 171 6.77 10.92 -10.46
CA GLY A 171 6.28 11.41 -9.17
C GLY A 171 5.35 10.53 -8.35
N LEU A 172 4.61 9.65 -9.00
CA LEU A 172 3.69 8.76 -8.28
C LEU A 172 4.46 7.83 -7.33
N GLU A 173 4.76 8.33 -6.14
CA GLU A 173 5.52 7.56 -5.15
C GLU A 173 4.70 6.66 -4.26
N ASN A 174 3.47 6.41 -4.65
CA ASN A 174 2.62 5.56 -3.85
C ASN A 174 1.99 4.57 -4.82
N LEU A 175 2.37 4.70 -6.08
CA LEU A 175 1.87 3.83 -7.13
C LEU A 175 2.28 2.40 -6.79
N ASP A 176 1.31 1.51 -6.67
CA ASP A 176 1.60 0.13 -6.36
C ASP A 176 0.89 -0.82 -7.32
N THR A 177 0.02 -0.28 -8.17
CA THR A 177 -0.70 -1.11 -9.13
C THR A 177 -0.91 -0.36 -10.43
N LEU A 178 -0.52 -1.00 -11.53
CA LEU A 178 -0.62 -0.39 -12.86
C LEU A 178 -1.10 -1.43 -13.87
N LEU A 179 -2.30 -1.25 -14.41
CA LEU A 179 -2.82 -2.21 -15.37
C LEU A 179 -2.80 -1.59 -16.77
N LEU A 180 -2.05 -2.20 -17.69
CA LEU A 180 -1.93 -1.72 -19.08
C LEU A 180 -2.22 -2.82 -20.07
N GLN A 181 -2.74 -3.92 -19.57
CA GLN A 181 -3.11 -5.11 -20.33
C GLN A 181 -4.17 -4.86 -21.42
N GLU A 182 -4.15 -5.71 -22.45
CA GLU A 182 -5.11 -5.65 -23.55
C GLU A 182 -5.24 -4.33 -24.28
N ASN A 183 -4.12 -3.72 -24.63
CA ASN A 183 -4.19 -2.48 -25.38
C ASN A 183 -3.44 -2.78 -26.65
N SER A 184 -2.83 -1.78 -27.27
CA SER A 184 -2.09 -2.05 -28.49
C SER A 184 -0.78 -1.27 -28.46
N LEU A 185 -0.20 -1.19 -27.27
CA LEU A 185 1.07 -0.50 -27.08
C LEU A 185 2.11 -1.31 -27.86
N TYR A 186 3.08 -0.62 -28.45
CA TYR A 186 4.10 -1.33 -29.21
C TYR A 186 5.47 -1.19 -28.59
N THR A 187 5.58 -0.29 -27.61
CA THR A 187 6.86 -0.11 -26.94
C THR A 187 6.69 0.68 -25.64
N ILE A 188 7.77 0.84 -24.90
CA ILE A 188 7.76 1.57 -23.64
C ILE A 188 8.90 2.58 -23.65
N PRO A 189 8.57 3.87 -23.56
CA PRO A 189 9.61 4.91 -23.55
C PRO A 189 10.68 4.67 -22.51
N LYS A 190 11.93 5.00 -22.87
CA LYS A 190 13.05 4.81 -21.97
C LYS A 190 12.86 5.57 -20.66
N GLY A 191 12.95 4.84 -19.55
CA GLY A 191 12.79 5.43 -18.24
C GLY A 191 11.36 5.49 -17.74
N PHE A 192 10.44 4.95 -18.52
CA PHE A 192 9.03 4.96 -18.17
C PHE A 192 8.70 4.58 -16.73
N PHE A 193 9.15 3.41 -16.30
CA PHE A 193 8.88 2.94 -14.95
C PHE A 193 9.73 3.68 -13.94
N GLY A 194 10.56 4.58 -14.42
CA GLY A 194 11.39 5.36 -13.53
C GLY A 194 12.07 4.51 -12.49
N SER A 195 12.11 4.98 -11.25
CA SER A 195 12.78 4.22 -10.21
C SER A 195 11.93 3.72 -9.05
N HIS A 196 10.62 3.67 -9.22
CA HIS A 196 9.82 3.17 -8.11
C HIS A 196 9.42 1.72 -8.33
N LEU A 197 9.57 0.90 -7.28
CA LEU A 197 9.26 -0.52 -7.30
C LEU A 197 7.75 -0.74 -7.46
N LEU A 198 7.35 -1.39 -8.54
CA LEU A 198 5.94 -1.62 -8.80
C LEU A 198 5.51 -3.04 -8.42
N PRO A 199 4.87 -3.20 -7.25
CA PRO A 199 4.40 -4.51 -6.77
C PRO A 199 3.54 -5.31 -7.75
N PHE A 200 2.66 -4.63 -8.47
CA PHE A 200 1.77 -5.30 -9.41
C PHE A 200 1.67 -4.60 -10.76
N ALA A 201 2.10 -5.28 -11.82
CA ALA A 201 2.06 -4.73 -13.15
C ALA A 201 1.44 -5.75 -14.09
N PHE A 202 0.56 -5.27 -14.95
CA PHE A 202 -0.10 -6.13 -15.93
C PHE A 202 0.21 -5.51 -17.28
N LEU A 203 0.88 -6.27 -18.14
CA LEU A 203 1.28 -5.75 -19.44
C LEU A 203 1.01 -6.69 -20.60
N HIS A 204 0.41 -7.85 -20.32
CA HIS A 204 0.13 -8.83 -21.37
C HIS A 204 -0.95 -8.36 -22.35
N GLY A 205 -1.08 -9.06 -23.47
CA GLY A 205 -2.08 -8.70 -24.47
C GLY A 205 -1.78 -7.46 -25.28
N ASN A 206 -0.52 -7.25 -25.61
CA ASN A 206 -0.13 -6.08 -26.39
C ASN A 206 0.77 -6.50 -27.53
N PRO A 207 0.66 -5.80 -28.68
CA PRO A 207 1.49 -6.12 -29.84
C PRO A 207 2.89 -5.57 -29.65
N TRP A 208 3.48 -5.83 -28.49
CA TRP A 208 4.83 -5.33 -28.22
C TRP A 208 5.73 -5.53 -29.42
N LEU A 209 6.23 -4.43 -29.95
CA LEU A 209 7.11 -4.53 -31.09
C LEU A 209 8.50 -4.55 -30.51
N CYS A 210 8.99 -5.74 -30.15
CA CYS A 210 10.33 -5.78 -29.57
C CYS A 210 11.40 -5.60 -30.66
N ASN A 211 12.22 -4.58 -30.44
CA ASN A 211 13.24 -4.21 -31.40
C ASN A 211 14.18 -3.10 -30.96
N CYS A 212 15.10 -3.39 -30.05
CA CYS A 212 16.06 -2.37 -29.64
C CYS A 212 15.53 -1.22 -28.79
N GLU A 213 14.26 -0.86 -28.97
CA GLU A 213 13.69 0.20 -28.15
C GLU A 213 13.04 -0.54 -26.99
N ILE A 214 12.48 -1.71 -27.32
CA ILE A 214 11.83 -2.55 -26.33
C ILE A 214 12.89 -2.89 -25.28
N LEU A 215 14.15 -2.82 -25.69
CA LEU A 215 15.27 -3.13 -24.83
C LEU A 215 15.16 -2.61 -23.41
N TYR A 216 14.86 -1.33 -23.22
CA TYR A 216 14.71 -0.78 -21.88
C TYR A 216 13.64 -1.57 -21.11
N PHE A 217 12.52 -1.80 -21.78
CA PHE A 217 11.42 -2.55 -21.22
C PHE A 217 11.89 -3.96 -20.86
N ARG A 218 12.73 -4.55 -21.72
CA ARG A 218 13.24 -5.88 -21.48
C ARG A 218 13.91 -5.92 -20.11
N ARG A 219 14.96 -5.13 -19.96
CA ARG A 219 15.68 -5.12 -18.70
C ARG A 219 14.75 -4.87 -17.52
N TRP A 220 13.74 -4.04 -17.72
CA TRP A 220 12.81 -3.77 -16.64
C TRP A 220 12.08 -5.06 -16.30
N LEU A 221 11.61 -5.76 -17.34
CA LEU A 221 10.90 -7.01 -17.16
C LEU A 221 11.78 -8.02 -16.42
N GLN A 222 13.09 -7.94 -16.59
CA GLN A 222 14.00 -8.85 -15.92
C GLN A 222 14.13 -8.50 -14.45
N ASP A 223 14.32 -7.23 -14.12
CA ASP A 223 14.44 -6.81 -12.73
C ASP A 223 13.13 -6.97 -11.93
N ASN A 224 11.99 -6.98 -12.61
CA ASN A 224 10.68 -7.11 -11.97
C ASN A 224 9.86 -8.29 -12.47
N ALA A 225 10.53 -9.41 -12.74
CA ALA A 225 9.85 -10.60 -13.25
C ALA A 225 8.76 -11.10 -12.32
N GLU A 226 8.95 -10.92 -11.00
CA GLU A 226 7.96 -11.39 -10.04
C GLU A 226 6.98 -10.31 -9.65
N ASN A 227 6.83 -9.31 -10.52
CA ASN A 227 5.91 -8.21 -10.29
C ASN A 227 4.87 -8.08 -11.39
N VAL A 228 5.07 -8.78 -12.49
CA VAL A 228 4.12 -8.71 -13.59
C VAL A 228 3.27 -9.97 -13.61
N TYR A 229 1.96 -9.78 -13.48
CA TYR A 229 1.03 -10.92 -13.48
C TYR A 229 0.14 -10.84 -14.70
N VAL A 230 -0.81 -11.76 -14.78
CA VAL A 230 -1.76 -11.78 -15.90
C VAL A 230 -3.15 -11.65 -15.30
N TRP A 231 -4.01 -10.90 -15.95
CA TRP A 231 -5.37 -10.73 -15.44
C TRP A 231 -6.28 -11.89 -15.82
N LYS A 232 -6.81 -12.56 -14.81
CA LYS A 232 -7.71 -13.69 -15.01
C LYS A 232 -9.04 -13.32 -14.37
N GLN A 233 -10.13 -13.81 -14.96
CA GLN A 233 -11.49 -13.55 -14.48
C GLN A 233 -11.65 -13.20 -12.99
N GLY A 234 -12.17 -14.13 -12.20
CA GLY A 234 -12.39 -13.85 -10.79
C GLY A 234 -11.39 -14.46 -9.83
N VAL A 235 -10.18 -14.74 -10.31
CA VAL A 235 -9.12 -15.32 -9.49
C VAL A 235 -8.64 -14.26 -8.51
N ASP A 236 -8.46 -14.64 -7.26
CA ASP A 236 -8.00 -13.69 -6.25
C ASP A 236 -6.50 -13.75 -6.07
N VAL A 237 -5.89 -12.60 -5.81
CA VAL A 237 -4.45 -12.49 -5.64
C VAL A 237 -3.90 -13.50 -4.62
N LYS A 238 -4.78 -14.15 -3.89
CA LYS A 238 -4.39 -15.16 -2.92
C LYS A 238 -3.85 -16.38 -3.67
N ALA A 239 -4.26 -16.51 -4.94
CA ALA A 239 -3.84 -17.62 -5.79
C ALA A 239 -3.17 -17.12 -7.07
N MET A 240 -2.81 -15.85 -7.09
CA MET A 240 -2.15 -15.27 -8.27
C MET A 240 -0.65 -15.59 -8.19
N THR A 241 -0.03 -15.71 -9.36
CA THR A 241 1.39 -16.03 -9.45
C THR A 241 2.03 -15.22 -10.59
N SER A 242 3.29 -14.83 -10.41
CA SER A 242 4.01 -14.04 -11.43
C SER A 242 4.14 -14.78 -12.74
N ASN A 243 4.24 -14.03 -13.83
CA ASN A 243 4.40 -14.60 -15.16
C ASN A 243 4.91 -13.54 -16.12
N VAL A 244 6.17 -13.18 -15.95
CA VAL A 244 6.83 -12.17 -16.78
C VAL A 244 6.80 -12.61 -18.24
N ALA A 245 6.66 -13.91 -18.46
CA ALA A 245 6.65 -14.40 -19.83
C ALA A 245 5.32 -14.12 -20.52
N SER A 246 4.41 -13.42 -19.85
CA SER A 246 3.12 -13.11 -20.45
C SER A 246 3.25 -11.88 -21.34
N VAL A 247 4.38 -11.19 -21.21
CA VAL A 247 4.67 -10.02 -22.03
C VAL A 247 5.47 -10.56 -23.19
N GLN A 248 4.81 -10.72 -24.34
CA GLN A 248 5.44 -11.26 -25.53
C GLN A 248 5.34 -10.35 -26.76
N CYS A 249 6.31 -10.47 -27.67
CA CYS A 249 6.30 -9.66 -28.88
C CYS A 249 5.31 -10.20 -29.90
N ASP A 250 4.41 -9.34 -30.35
CA ASP A 250 3.43 -9.70 -31.35
C ASP A 250 4.19 -9.92 -32.65
N ASN A 251 5.52 -9.75 -32.58
CA ASN A 251 6.40 -9.91 -33.73
C ASN A 251 6.32 -11.36 -34.24
N SER A 252 5.13 -11.73 -34.70
CA SER A 252 4.84 -13.07 -35.23
C SER A 252 5.73 -14.11 -34.57
N ASP A 253 5.49 -14.39 -33.28
CA ASP A 253 6.30 -15.37 -32.59
C ASP A 253 5.73 -15.92 -31.28
N LYS A 254 5.32 -15.02 -30.38
CA LYS A 254 4.79 -15.37 -29.04
C LYS A 254 6.04 -15.65 -28.21
N PHE A 255 7.11 -14.97 -28.60
CA PHE A 255 8.43 -15.05 -27.98
C PHE A 255 8.40 -14.00 -26.86
N PRO A 256 8.75 -14.41 -25.63
CA PRO A 256 8.75 -13.48 -24.52
C PRO A 256 9.73 -12.33 -24.65
N VAL A 257 9.22 -11.11 -24.76
CA VAL A 257 10.13 -9.98 -24.81
C VAL A 257 10.68 -10.15 -23.41
N TYR A 258 11.97 -9.89 -23.23
CA TYR A 258 12.65 -10.05 -21.95
C TYR A 258 13.53 -11.27 -22.07
N LYS A 259 13.32 -11.99 -23.17
CA LYS A 259 14.12 -13.15 -23.50
C LYS A 259 14.77 -12.72 -24.80
N TYR A 260 14.30 -11.57 -25.29
CA TYR A 260 14.79 -10.94 -26.52
C TYR A 260 16.22 -10.48 -26.32
N PRO A 261 17.17 -11.14 -27.01
CA PRO A 261 18.58 -10.78 -26.87
C PRO A 261 18.84 -9.31 -27.20
N GLY A 262 18.33 -8.89 -28.34
CA GLY A 262 18.54 -7.54 -28.80
C GLY A 262 19.60 -7.66 -29.87
N LYS A 263 19.28 -8.44 -30.90
CA LYS A 263 20.18 -8.71 -32.02
C LYS A 263 21.21 -7.59 -32.25
N GLY A 264 22.28 -7.63 -31.46
CA GLY A 264 23.31 -6.61 -31.58
C GLY A 264 22.78 -5.22 -31.86
N CYS A 265 22.36 -4.53 -30.81
CA CYS A 265 21.84 -3.18 -30.94
C CYS A 265 22.61 -2.22 -30.05
N PRO A 266 22.69 -0.94 -30.44
CA PRO A 266 23.41 0.06 -29.65
C PRO A 266 22.98 0.14 -28.19
N THR A 267 23.93 -0.03 -27.27
CA THR A 267 23.66 0.00 -25.83
C THR A 267 22.88 1.26 -25.44
N LEU A 268 23.36 2.37 -25.78
N PRO B 3 35.47 -0.78 38.72
CA PRO B 3 35.52 -0.90 37.24
C PRO B 3 34.56 0.12 36.62
N ILE B 4 34.97 0.73 35.51
CA ILE B 4 34.13 1.72 34.84
C ILE B 4 32.74 1.14 34.55
N CYS B 5 32.68 -0.06 33.98
CA CYS B 5 31.43 -0.74 33.68
C CYS B 5 31.58 -2.18 34.16
N GLU B 6 30.46 -2.83 34.52
CA GLU B 6 30.50 -4.22 34.96
C GLU B 6 30.80 -5.13 33.78
N VAL B 7 31.51 -6.22 34.02
CA VAL B 7 31.85 -7.16 32.95
C VAL B 7 31.59 -8.60 33.38
N SER B 8 30.40 -9.09 33.05
CA SER B 8 30.03 -10.46 33.39
C SER B 8 30.14 -11.35 32.16
N LYS B 9 29.51 -12.53 32.22
CA LYS B 9 29.58 -13.49 31.13
C LYS B 9 28.26 -14.23 30.86
N VAL B 10 27.24 -13.50 30.39
CA VAL B 10 25.94 -14.08 30.08
C VAL B 10 26.08 -15.17 29.02
N ALA B 11 25.25 -16.20 29.11
CA ALA B 11 25.31 -17.35 28.19
C ALA B 11 26.74 -17.84 28.29
N SER B 12 27.52 -17.60 27.24
CA SER B 12 28.92 -17.97 27.25
C SER B 12 29.69 -16.87 26.55
N HIS B 13 29.00 -15.74 26.37
CA HIS B 13 29.56 -14.56 25.70
C HIS B 13 29.96 -13.53 26.74
N LEU B 14 30.83 -12.62 26.34
CA LEU B 14 31.29 -11.58 27.25
C LEU B 14 30.44 -10.33 27.11
N GLU B 15 29.83 -9.93 28.21
CA GLU B 15 28.99 -8.75 28.22
C GLU B 15 29.61 -7.62 29.03
N VAL B 16 29.72 -6.44 28.42
CA VAL B 16 30.24 -5.27 29.10
C VAL B 16 29.01 -4.42 29.40
N ASN B 17 28.71 -4.24 30.68
CA ASN B 17 27.54 -3.46 31.03
C ASN B 17 27.85 -2.03 31.48
N CYS B 18 27.63 -1.08 30.59
CA CYS B 18 27.85 0.32 30.89
C CYS B 18 26.50 1.04 31.02
N ASP B 19 25.47 0.29 31.40
CA ASP B 19 24.13 0.81 31.56
C ASP B 19 24.05 1.84 32.68
N LYS B 20 23.35 2.95 32.44
CA LYS B 20 23.18 4.03 33.42
C LYS B 20 24.44 4.49 34.15
N ARG B 21 25.20 5.39 33.54
CA ARG B 21 26.39 5.92 34.17
C ARG B 21 26.63 7.38 33.78
N ASN B 22 25.58 8.04 33.29
CA ASN B 22 25.70 9.42 32.85
C ASN B 22 27.03 9.51 32.09
N LEU B 23 27.27 8.50 31.24
CA LEU B 23 28.50 8.39 30.50
C LEU B 23 29.00 9.49 29.58
N THR B 24 28.19 9.91 28.60
CA THR B 24 28.61 10.97 27.67
C THR B 24 29.37 10.47 26.43
N ALA B 25 29.94 9.27 26.53
CA ALA B 25 30.69 8.64 25.44
C ALA B 25 31.22 7.34 25.99
N LEU B 26 32.10 6.65 25.28
CA LEU B 26 32.64 5.40 25.82
C LEU B 26 33.34 5.76 27.15
N PRO B 27 34.17 4.87 27.74
CA PRO B 27 34.78 3.56 27.69
C PRO B 27 35.79 3.37 26.58
N PRO B 28 37.05 3.69 26.88
CA PRO B 28 38.19 3.59 25.97
C PRO B 28 39.06 2.35 26.18
N ASP B 29 38.47 1.29 26.72
CA ASP B 29 39.27 0.11 26.96
C ASP B 29 38.45 -1.15 27.19
N LEU B 30 37.19 -1.15 26.75
CA LEU B 30 36.38 -2.34 26.94
C LEU B 30 37.21 -3.51 26.39
N PRO B 31 37.02 -4.71 26.96
CA PRO B 31 37.79 -5.86 26.46
C PRO B 31 37.52 -6.11 24.98
N LYS B 32 38.58 -6.04 24.19
CA LYS B 32 38.52 -6.24 22.75
C LYS B 32 37.54 -7.35 22.38
N ASP B 33 37.43 -8.36 23.23
CA ASP B 33 36.57 -9.50 22.97
C ASP B 33 35.09 -9.35 23.32
N THR B 34 34.67 -8.14 23.66
CA THR B 34 33.29 -7.88 24.02
C THR B 34 32.33 -8.42 22.96
N THR B 35 31.28 -9.10 23.40
CA THR B 35 30.30 -9.67 22.48
C THR B 35 29.04 -8.86 22.52
N ILE B 36 28.59 -8.57 23.72
CA ILE B 36 27.40 -7.77 23.89
C ILE B 36 27.72 -6.56 24.76
N LEU B 37 27.44 -5.38 24.22
CA LEU B 37 27.72 -4.12 24.90
C LEU B 37 26.46 -3.29 25.19
N HIS B 38 26.25 -3.01 26.48
CA HIS B 38 25.11 -2.23 26.93
C HIS B 38 25.53 -0.78 27.24
N LEU B 39 24.89 0.16 26.57
CA LEU B 39 25.17 1.56 26.76
C LEU B 39 23.88 2.30 27.05
N SER B 40 22.83 1.54 27.33
CA SER B 40 21.54 2.13 27.62
C SER B 40 21.62 3.19 28.72
N GLU B 41 20.57 3.99 28.81
CA GLU B 41 20.43 5.05 29.81
C GLU B 41 21.68 5.88 30.10
N ASN B 42 22.17 6.56 29.07
CA ASN B 42 23.32 7.43 29.17
C ASN B 42 23.06 8.71 28.36
N LEU B 43 23.86 9.75 28.59
CA LEU B 43 23.68 11.00 27.86
C LEU B 43 24.66 11.01 26.70
N LEU B 44 24.24 10.43 25.57
CA LEU B 44 25.11 10.38 24.39
C LEU B 44 24.81 11.40 23.29
N TYR B 45 23.53 11.66 23.01
CA TYR B 45 23.15 12.62 21.99
C TYR B 45 23.58 12.20 20.58
N THR B 46 24.86 11.87 20.44
CA THR B 46 25.36 11.43 19.15
C THR B 46 26.29 10.26 19.36
N PHE B 47 26.29 9.33 18.42
CA PHE B 47 27.16 8.19 18.57
C PHE B 47 27.82 7.82 17.27
N SER B 48 29.10 7.47 17.34
CA SER B 48 29.83 7.10 16.14
C SER B 48 30.08 5.60 16.07
N LEU B 49 29.42 4.97 15.11
CA LEU B 49 29.54 3.54 14.88
C LEU B 49 30.99 3.20 14.60
N ALA B 50 31.76 4.20 14.20
CA ALA B 50 33.17 4.01 13.92
C ALA B 50 33.90 3.66 15.20
N THR B 51 33.69 4.43 16.25
CA THR B 51 34.36 4.21 17.53
C THR B 51 34.32 2.77 18.02
N LEU B 52 33.41 1.96 17.50
CA LEU B 52 33.30 0.56 17.92
C LEU B 52 34.13 -0.41 17.09
N MET B 53 34.71 0.08 16.00
CA MET B 53 35.50 -0.74 15.09
C MET B 53 36.47 -1.74 15.72
N PRO B 54 37.19 -1.32 16.78
CA PRO B 54 38.13 -2.26 17.38
C PRO B 54 37.50 -3.53 17.97
N TYR B 55 36.24 -3.44 18.40
CA TYR B 55 35.57 -4.59 18.99
C TYR B 55 35.01 -5.57 17.96
N THR B 56 35.91 -6.39 17.45
CA THR B 56 35.66 -7.39 16.43
C THR B 56 34.61 -8.46 16.68
N ARG B 57 34.35 -8.79 17.94
CA ARG B 57 33.35 -9.82 18.21
C ARG B 57 32.01 -9.25 18.67
N LEU B 58 31.76 -7.97 18.39
CA LEU B 58 30.51 -7.33 18.80
C LEU B 58 29.31 -7.93 18.10
N THR B 59 28.32 -8.36 18.87
CA THR B 59 27.12 -8.98 18.32
C THR B 59 25.82 -8.25 18.65
N GLN B 60 25.76 -7.71 19.87
CA GLN B 60 24.58 -6.96 20.30
C GLN B 60 25.02 -5.63 20.83
N LEU B 61 24.38 -4.56 20.37
CA LEU B 61 24.68 -3.21 20.81
C LEU B 61 23.40 -2.57 21.29
N ASN B 62 23.42 -2.01 22.49
CA ASN B 62 22.24 -1.36 23.02
C ASN B 62 22.47 0.11 23.30
N LEU B 63 21.89 0.97 22.45
CA LEU B 63 22.00 2.42 22.59
C LEU B 63 20.61 2.91 23.00
N ASP B 64 19.98 2.07 23.81
CA ASP B 64 18.66 2.23 24.39
C ASP B 64 18.57 3.49 25.26
N ARG B 65 17.56 4.33 25.06
CA ARG B 65 17.40 5.54 25.90
C ARG B 65 18.67 6.35 26.12
N CYS B 66 19.24 6.92 25.08
CA CYS B 66 20.46 7.70 25.27
C CYS B 66 20.36 9.10 24.72
N GLU B 67 19.14 9.63 24.60
CA GLU B 67 18.96 10.97 24.08
C GLU B 67 19.66 11.11 22.72
N LEU B 68 19.74 10.02 21.95
CA LEU B 68 20.38 10.11 20.64
C LEU B 68 19.56 10.96 19.67
N THR B 69 20.23 11.88 18.99
CA THR B 69 19.57 12.72 18.02
C THR B 69 20.14 12.36 16.64
N LYS B 70 21.37 11.84 16.65
CA LYS B 70 21.99 11.42 15.40
C LYS B 70 22.99 10.28 15.57
N LEU B 71 22.82 9.24 14.76
CA LEU B 71 23.73 8.09 14.78
C LEU B 71 24.51 8.21 13.49
N GLN B 72 25.84 8.18 13.59
CA GLN B 72 26.71 8.32 12.43
C GLN B 72 27.22 6.97 11.96
N VAL B 73 26.82 6.59 10.75
CA VAL B 73 27.19 5.30 10.19
C VAL B 73 28.60 5.19 9.59
N ASP B 74 29.36 4.20 10.08
CA ASP B 74 30.74 3.91 9.65
C ASP B 74 31.06 2.37 9.67
N GLY B 75 30.75 1.75 8.51
CA GLY B 75 30.93 0.33 8.20
C GLY B 75 31.66 -0.78 8.92
N THR B 76 32.00 -0.61 10.18
CA THR B 76 32.66 -1.71 10.85
C THR B 76 31.51 -2.59 11.27
N LEU B 77 31.70 -3.38 12.31
CA LEU B 77 30.63 -4.23 12.81
C LEU B 77 30.06 -5.21 11.77
N PRO B 78 30.92 -5.96 11.06
CA PRO B 78 30.45 -6.94 10.06
C PRO B 78 29.80 -8.17 10.66
N VAL B 79 29.66 -8.23 11.98
CA VAL B 79 29.02 -9.37 12.62
C VAL B 79 27.94 -8.95 13.61
N LEU B 80 27.73 -7.64 13.74
CA LEU B 80 26.72 -7.09 14.65
C LEU B 80 25.35 -7.69 14.29
N GLY B 81 24.67 -8.29 15.25
CA GLY B 81 23.39 -8.91 14.95
C GLY B 81 22.13 -8.18 15.39
N THR B 82 22.20 -7.49 16.53
CA THR B 82 21.03 -6.76 16.97
C THR B 82 21.46 -5.38 17.44
N LEU B 83 20.70 -4.36 17.04
CA LEU B 83 20.97 -2.99 17.41
C LEU B 83 19.69 -2.40 17.98
N ASP B 84 19.79 -1.83 19.18
CA ASP B 84 18.63 -1.23 19.84
C ASP B 84 18.81 0.29 19.97
N LEU B 85 18.16 1.05 19.09
CA LEU B 85 18.26 2.51 19.11
C LEU B 85 16.97 3.07 19.71
N SER B 86 16.08 2.14 20.03
CA SER B 86 14.79 2.44 20.61
C SER B 86 14.85 3.46 21.74
N HIS B 87 13.79 4.25 21.87
CA HIS B 87 13.68 5.27 22.91
C HIS B 87 14.74 6.37 22.80
N ASN B 88 14.79 7.02 21.65
CA ASN B 88 15.72 8.11 21.42
C ASN B 88 15.02 9.17 20.60
N GLN B 89 15.75 10.23 20.25
CA GLN B 89 15.20 11.33 19.49
C GLN B 89 15.65 11.31 18.04
N LEU B 90 15.57 10.16 17.38
CA LEU B 90 16.00 10.11 16.00
C LEU B 90 14.96 10.63 15.00
N GLN B 91 15.39 11.57 14.17
CA GLN B 91 14.54 12.22 13.16
C GLN B 91 14.42 11.46 11.83
N SER B 92 15.39 10.62 11.52
CA SER B 92 15.39 9.85 10.29
C SER B 92 15.99 8.47 10.56
N LEU B 93 15.62 7.47 9.77
CA LEU B 93 16.12 6.12 9.96
C LEU B 93 17.46 5.98 9.28
N PRO B 94 18.51 5.68 10.07
CA PRO B 94 19.85 5.53 9.49
C PRO B 94 19.95 4.34 8.52
N LEU B 95 20.74 4.54 7.46
CA LEU B 95 20.92 3.49 6.46
C LEU B 95 22.07 2.60 6.90
N LEU B 96 21.72 1.43 7.41
CA LEU B 96 22.73 0.52 7.93
C LEU B 96 23.19 -0.59 6.97
N GLY B 97 22.40 -0.91 5.95
CA GLY B 97 22.77 -1.96 5.02
C GLY B 97 24.22 -2.18 4.59
N GLN B 98 24.97 -1.11 4.33
CA GLN B 98 26.34 -1.26 3.90
C GLN B 98 27.32 -1.49 5.05
N THR B 99 26.95 -1.03 6.24
CA THR B 99 27.84 -1.16 7.38
C THR B 99 27.45 -2.25 8.39
N LEU B 100 26.21 -2.71 8.36
CA LEU B 100 25.79 -3.75 9.30
C LEU B 100 25.17 -4.91 8.52
N PRO B 101 25.91 -5.45 7.54
CA PRO B 101 25.39 -6.56 6.73
C PRO B 101 24.85 -7.76 7.49
N ALA B 102 25.43 -8.05 8.65
CA ALA B 102 25.01 -9.21 9.42
C ALA B 102 23.76 -9.00 10.28
N LEU B 103 23.32 -7.75 10.38
CA LEU B 103 22.18 -7.37 11.21
C LEU B 103 20.92 -8.26 11.01
N THR B 104 20.38 -8.76 12.12
CA THR B 104 19.16 -9.59 12.12
C THR B 104 17.95 -8.95 12.85
N VAL B 105 18.20 -8.05 13.79
CA VAL B 105 17.10 -7.36 14.46
C VAL B 105 17.48 -5.90 14.72
N LEU B 106 16.63 -5.00 14.23
CA LEU B 106 16.81 -3.56 14.36
C LEU B 106 15.61 -3.04 15.11
N ASP B 107 15.86 -2.26 16.15
CA ASP B 107 14.76 -1.71 16.93
C ASP B 107 14.94 -0.21 17.04
N VAL B 108 14.16 0.54 16.26
CA VAL B 108 14.24 1.99 16.26
C VAL B 108 12.91 2.59 16.71
N SER B 109 12.13 1.81 17.46
CA SER B 109 10.85 2.28 17.93
C SER B 109 11.02 3.39 18.99
N PHE B 110 9.97 4.20 19.15
CA PHE B 110 9.95 5.32 20.08
C PHE B 110 11.08 6.31 19.79
N ASN B 111 10.99 6.93 18.63
CA ASN B 111 11.94 7.93 18.17
C ASN B 111 11.08 8.99 17.50
N ARG B 112 11.63 9.73 16.55
CA ARG B 112 10.85 10.75 15.86
C ARG B 112 10.81 10.54 14.37
N LEU B 113 10.66 9.30 13.94
CA LEU B 113 10.59 9.04 12.50
C LEU B 113 9.24 9.50 11.99
N THR B 114 9.23 10.15 10.83
CA THR B 114 8.00 10.65 10.24
C THR B 114 7.85 10.01 8.87
N SER B 115 8.91 9.34 8.43
CA SER B 115 8.93 8.68 7.14
C SER B 115 10.15 7.78 6.97
N LEU B 116 10.11 6.90 5.98
CA LEU B 116 11.21 5.99 5.71
C LEU B 116 11.61 6.08 4.25
N PRO B 117 12.91 6.29 3.97
CA PRO B 117 13.36 6.38 2.57
C PRO B 117 13.07 5.12 1.76
N LEU B 118 12.80 5.30 0.48
CA LEU B 118 12.49 4.20 -0.43
C LEU B 118 13.45 3.02 -0.30
N GLY B 119 14.75 3.28 -0.18
CA GLY B 119 15.71 2.20 -0.07
C GLY B 119 16.32 2.05 1.30
N ALA B 120 15.53 2.26 2.33
CA ALA B 120 16.02 2.18 3.70
C ALA B 120 16.69 0.85 4.04
N LEU B 121 15.91 -0.23 3.98
CA LEU B 121 16.43 -1.55 4.32
C LEU B 121 17.34 -2.16 3.26
N ARG B 122 17.67 -1.38 2.24
CA ARG B 122 18.56 -1.88 1.20
C ARG B 122 19.87 -2.31 1.89
N GLY B 123 20.39 -3.46 1.50
CA GLY B 123 21.63 -3.94 2.07
C GLY B 123 21.59 -4.93 3.22
N LEU B 124 20.45 -5.07 3.92
CA LEU B 124 20.44 -6.02 5.02
C LEU B 124 19.36 -7.09 4.95
N GLY B 125 19.65 -8.10 4.13
CA GLY B 125 18.73 -9.21 3.92
C GLY B 125 18.87 -10.34 4.91
N GLU B 126 19.48 -10.05 6.05
CA GLU B 126 19.65 -11.03 7.11
C GLU B 126 18.61 -10.69 8.18
N LEU B 127 18.02 -9.52 8.01
CA LEU B 127 17.00 -8.93 8.89
C LEU B 127 15.80 -9.84 9.12
N GLN B 128 15.48 -10.11 10.38
CA GLN B 128 14.34 -10.96 10.74
C GLN B 128 13.34 -10.21 11.61
N GLU B 129 13.83 -9.22 12.35
CA GLU B 129 12.96 -8.44 13.22
C GLU B 129 13.14 -6.94 13.02
N LEU B 130 12.04 -6.26 12.74
CA LEU B 130 12.06 -4.81 12.55
C LEU B 130 11.04 -4.17 13.48
N TYR B 131 11.51 -3.39 14.44
CA TYR B 131 10.59 -2.72 15.35
C TYR B 131 10.60 -1.21 15.13
N LEU B 132 9.45 -0.68 14.72
CA LEU B 132 9.32 0.76 14.45
C LEU B 132 8.14 1.39 15.21
N LYS B 133 7.71 0.75 16.30
CA LYS B 133 6.60 1.22 17.10
C LYS B 133 6.79 2.56 17.80
N GLY B 134 5.70 3.31 17.91
CA GLY B 134 5.77 4.58 18.59
C GLY B 134 6.47 5.70 17.86
N ASN B 135 6.40 5.68 16.55
CA ASN B 135 7.00 6.75 15.77
C ASN B 135 5.82 7.43 15.13
N GLU B 136 6.05 8.21 14.09
CA GLU B 136 4.94 8.91 13.44
C GLU B 136 4.87 8.66 11.96
N LEU B 137 5.22 7.46 11.53
CA LEU B 137 5.16 7.15 10.11
C LEU B 137 3.72 7.28 9.65
N LYS B 138 3.50 7.87 8.49
CA LYS B 138 2.15 8.01 7.99
C LYS B 138 1.96 7.20 6.72
N THR B 139 3.05 6.97 6.01
CA THR B 139 3.00 6.22 4.76
C THR B 139 4.26 5.41 4.59
N LEU B 140 4.16 4.25 3.95
CA LEU B 140 5.34 3.42 3.73
C LEU B 140 5.62 3.31 2.24
N PRO B 141 6.90 3.29 1.85
CA PRO B 141 7.23 3.18 0.42
C PRO B 141 7.04 1.76 -0.14
N PRO B 142 6.37 1.62 -1.30
CA PRO B 142 6.15 0.28 -1.88
C PRO B 142 7.50 -0.38 -2.13
N GLY B 143 7.62 -1.66 -1.79
CA GLY B 143 8.87 -2.36 -1.97
C GLY B 143 9.83 -2.18 -0.79
N LEU B 144 9.35 -1.54 0.26
CA LEU B 144 10.12 -1.28 1.47
C LEU B 144 10.81 -2.55 1.97
N LEU B 145 10.01 -3.55 2.33
CA LEU B 145 10.55 -4.81 2.84
C LEU B 145 11.15 -5.73 1.77
N THR B 146 11.19 -5.27 0.52
CA THR B 146 11.74 -6.11 -0.54
C THR B 146 13.14 -6.64 -0.20
N PRO B 147 14.04 -5.80 0.30
CA PRO B 147 15.40 -6.23 0.64
C PRO B 147 15.51 -7.25 1.78
N THR B 148 14.46 -7.41 2.56
CA THR B 148 14.48 -8.30 3.70
C THR B 148 13.51 -9.47 3.60
N PRO B 149 13.81 -10.43 2.72
CA PRO B 149 12.96 -11.60 2.49
C PRO B 149 12.74 -12.57 3.67
N LYS B 150 13.55 -12.49 4.72
CA LYS B 150 13.36 -13.39 5.84
C LYS B 150 12.86 -12.74 7.11
N LEU B 151 12.09 -11.65 6.97
CA LEU B 151 11.52 -10.96 8.13
C LEU B 151 10.50 -11.87 8.80
N GLU B 152 10.49 -11.88 10.12
CA GLU B 152 9.55 -12.70 10.86
C GLU B 152 8.63 -11.82 11.72
N LYS B 153 9.18 -10.73 12.24
CA LYS B 153 8.44 -9.78 13.07
C LYS B 153 8.50 -8.38 12.48
N LEU B 154 7.36 -7.71 12.44
CA LEU B 154 7.31 -6.33 11.95
C LEU B 154 6.36 -5.58 12.87
N SER B 155 6.81 -4.45 13.40
CA SER B 155 5.95 -3.67 14.28
C SER B 155 5.87 -2.22 13.88
N LEU B 156 4.70 -1.82 13.39
CA LEU B 156 4.48 -0.46 12.96
C LEU B 156 3.36 0.10 13.80
N ALA B 157 3.19 -0.47 14.99
CA ALA B 157 2.15 -0.03 15.89
C ALA B 157 2.43 1.34 16.47
N ASN B 158 1.36 2.04 16.81
CA ASN B 158 1.43 3.36 17.41
C ASN B 158 2.19 4.39 16.58
N ASN B 159 1.79 4.47 15.32
CA ASN B 159 2.34 5.41 14.37
C ASN B 159 1.10 6.11 13.84
N ASN B 160 1.20 6.73 12.67
CA ASN B 160 0.03 7.43 12.13
C ASN B 160 -0.32 6.94 10.74
N LEU B 161 0.02 5.70 10.48
CA LEU B 161 -0.26 5.10 9.18
C LEU B 161 -1.73 5.24 8.84
N THR B 162 -2.01 5.51 7.58
CA THR B 162 -3.40 5.64 7.13
C THR B 162 -3.59 4.69 5.96
N GLU B 163 -2.48 4.20 5.40
CA GLU B 163 -2.52 3.29 4.27
C GLU B 163 -1.27 2.41 4.18
N LEU B 164 -1.44 1.18 3.69
CA LEU B 164 -0.32 0.26 3.56
C LEU B 164 -0.16 -0.08 2.08
N PRO B 165 1.09 -0.06 1.59
CA PRO B 165 1.39 -0.37 0.19
C PRO B 165 0.80 -1.71 -0.27
N ALA B 166 0.28 -1.74 -1.48
CA ALA B 166 -0.34 -2.95 -2.01
C ALA B 166 0.42 -4.24 -1.80
N GLY B 167 1.74 -4.24 -1.95
CA GLY B 167 2.45 -5.50 -1.79
C GLY B 167 3.44 -5.57 -0.64
N LEU B 168 3.23 -4.73 0.36
CA LEU B 168 4.12 -4.65 1.51
C LEU B 168 4.66 -5.98 2.02
N LEU B 169 3.80 -7.00 2.10
CA LEU B 169 4.21 -8.29 2.63
C LEU B 169 4.62 -9.32 1.62
N ASN B 170 4.68 -8.97 0.34
CA ASN B 170 5.07 -9.95 -0.65
C ASN B 170 6.54 -10.38 -0.47
N GLY B 171 6.75 -11.70 -0.47
CA GLY B 171 8.09 -12.21 -0.30
C GLY B 171 8.40 -12.64 1.10
N LEU B 172 7.73 -12.04 2.07
CA LEU B 172 7.95 -12.37 3.46
C LEU B 172 7.29 -13.70 3.78
N GLU B 173 7.93 -14.79 3.38
CA GLU B 173 7.38 -16.12 3.60
C GLU B 173 7.51 -16.63 5.03
N ASN B 174 8.27 -15.93 5.87
CA ASN B 174 8.47 -16.35 7.26
C ASN B 174 7.87 -15.39 8.25
N LEU B 175 7.07 -14.45 7.76
CA LEU B 175 6.45 -13.49 8.65
C LEU B 175 5.50 -14.22 9.59
N ASP B 176 5.65 -13.98 10.89
CA ASP B 176 4.76 -14.61 11.86
C ASP B 176 4.07 -13.59 12.76
N THR B 177 4.60 -12.37 12.81
CA THR B 177 4.03 -11.32 13.64
C THR B 177 3.96 -9.94 12.99
N LEU B 178 2.73 -9.46 12.81
CA LEU B 178 2.49 -8.15 12.21
C LEU B 178 1.74 -7.30 13.22
N LEU B 179 2.44 -6.32 13.78
CA LEU B 179 1.86 -5.42 14.78
C LEU B 179 1.50 -4.10 14.09
N LEU B 180 0.19 -3.89 13.89
CA LEU B 180 -0.31 -2.69 13.23
C LEU B 180 -1.34 -1.92 14.06
N GLN B 181 -1.56 -2.34 15.29
CA GLN B 181 -2.56 -1.68 16.12
C GLN B 181 -2.31 -0.21 16.38
N GLU B 182 -3.42 0.51 16.51
CA GLU B 182 -3.42 1.92 16.80
C GLU B 182 -2.63 2.83 15.88
N ASN B 183 -3.21 3.02 14.70
CA ASN B 183 -2.72 3.87 13.62
C ASN B 183 -4.03 4.45 13.09
N SER B 184 -3.99 5.07 11.91
CA SER B 184 -5.20 5.65 11.33
C SER B 184 -5.58 4.86 10.09
N LEU B 185 -5.24 3.58 10.07
CA LEU B 185 -5.56 2.74 8.94
C LEU B 185 -7.07 2.68 8.77
N TYR B 186 -7.54 2.79 7.53
CA TYR B 186 -8.96 2.76 7.28
C TYR B 186 -9.34 1.67 6.27
N THR B 187 -8.35 0.97 5.74
CA THR B 187 -8.62 -0.11 4.81
C THR B 187 -7.38 -0.94 4.49
N ILE B 188 -7.60 -2.21 4.16
CA ILE B 188 -6.51 -3.11 3.80
C ILE B 188 -6.61 -3.31 2.30
N PRO B 189 -5.50 -3.15 1.57
CA PRO B 189 -5.57 -3.34 0.12
C PRO B 189 -5.92 -4.78 -0.22
N LYS B 190 -6.56 -4.98 -1.37
CA LYS B 190 -6.95 -6.33 -1.77
C LYS B 190 -5.74 -7.26 -1.91
N GLY B 191 -5.88 -8.48 -1.41
CA GLY B 191 -4.80 -9.45 -1.48
C GLY B 191 -3.64 -9.19 -0.53
N PHE B 192 -3.74 -8.12 0.24
CA PHE B 192 -2.68 -7.74 1.15
C PHE B 192 -2.01 -8.87 1.92
N PHE B 193 -2.77 -9.88 2.31
CA PHE B 193 -2.20 -10.97 3.09
C PHE B 193 -1.76 -12.21 2.32
N GLY B 194 -1.97 -12.20 1.02
CA GLY B 194 -1.58 -13.34 0.20
C GLY B 194 -2.05 -14.69 0.70
N SER B 195 -1.29 -15.72 0.33
CA SER B 195 -1.61 -17.09 0.71
C SER B 195 -0.95 -17.52 2.01
N HIS B 196 0.29 -17.12 2.21
CA HIS B 196 0.99 -17.48 3.44
C HIS B 196 0.26 -16.81 4.59
N LEU B 197 -0.16 -17.59 5.57
CA LEU B 197 -0.88 -17.00 6.69
C LEU B 197 -0.05 -16.89 7.95
N LEU B 198 -0.14 -15.71 8.58
CA LEU B 198 0.62 -15.40 9.78
C LEU B 198 -0.12 -15.64 11.08
N PRO B 199 0.56 -16.30 12.04
CA PRO B 199 0.09 -16.65 13.36
C PRO B 199 -0.45 -15.51 14.22
N PHE B 200 0.29 -14.42 14.30
CA PHE B 200 -0.12 -13.28 15.13
C PHE B 200 -0.29 -11.95 14.44
N ALA B 201 -1.52 -11.47 14.37
CA ALA B 201 -1.82 -10.18 13.74
C ALA B 201 -2.50 -9.24 14.72
N PHE B 202 -2.02 -8.00 14.78
CA PHE B 202 -2.61 -7.00 15.68
C PHE B 202 -3.17 -5.85 14.86
N LEU B 203 -4.49 -5.73 14.81
CA LEU B 203 -5.14 -4.71 13.99
C LEU B 203 -6.14 -3.78 14.68
N HIS B 204 -6.32 -3.92 15.98
CA HIS B 204 -7.25 -3.07 16.70
C HIS B 204 -6.73 -1.63 16.76
N GLY B 205 -7.58 -0.72 17.22
CA GLY B 205 -7.20 0.68 17.34
C GLY B 205 -7.12 1.43 16.03
N ASN B 206 -7.85 0.96 15.03
CA ASN B 206 -7.83 1.61 13.72
C ASN B 206 -9.23 1.97 13.26
N PRO B 207 -9.39 3.16 12.64
CA PRO B 207 -10.65 3.70 12.11
C PRO B 207 -11.13 2.91 10.91
N TRP B 208 -11.13 1.58 11.00
CA TRP B 208 -11.56 0.77 9.86
C TRP B 208 -12.81 1.29 9.19
N LEU B 209 -12.64 2.03 8.10
CA LEU B 209 -13.75 2.57 7.35
C LEU B 209 -14.30 1.40 6.57
N CYS B 210 -15.25 0.69 7.16
CA CYS B 210 -15.77 -0.47 6.47
C CYS B 210 -16.92 -0.21 5.50
N ASN B 211 -16.57 -0.21 4.22
CA ASN B 211 -17.50 -0.03 3.13
C ASN B 211 -17.38 -1.29 2.29
N CYS B 212 -17.10 -1.18 1.00
CA CYS B 212 -17.01 -2.40 0.20
C CYS B 212 -15.62 -2.72 -0.28
N GLU B 213 -14.70 -1.79 -0.11
CA GLU B 213 -13.33 -2.03 -0.51
C GLU B 213 -12.70 -2.68 0.73
N ILE B 214 -13.53 -2.96 1.72
CA ILE B 214 -13.08 -3.60 2.95
C ILE B 214 -13.58 -5.03 3.03
N LEU B 215 -14.19 -5.49 1.95
CA LEU B 215 -14.73 -6.84 1.88
C LEU B 215 -13.61 -7.88 1.86
N TYR B 216 -12.49 -7.58 1.22
CA TYR B 216 -11.38 -8.52 1.22
C TYR B 216 -10.96 -8.74 2.66
N PHE B 217 -10.70 -7.65 3.37
CA PHE B 217 -10.26 -7.69 4.76
C PHE B 217 -11.26 -8.42 5.64
N ARG B 218 -12.54 -8.15 5.39
CA ARG B 218 -13.59 -8.77 6.16
C ARG B 218 -13.49 -10.27 6.08
N ARG B 219 -13.41 -10.82 4.87
CA ARG B 219 -13.30 -12.26 4.80
C ARG B 219 -12.00 -12.80 5.42
N TRP B 220 -10.90 -12.10 5.17
CA TRP B 220 -9.64 -12.51 5.75
C TRP B 220 -9.83 -12.60 7.25
N LEU B 221 -10.41 -11.55 7.84
CA LEU B 221 -10.67 -11.54 9.27
C LEU B 221 -11.45 -12.79 9.67
N GLN B 222 -12.37 -13.20 8.82
CA GLN B 222 -13.15 -14.40 9.10
C GLN B 222 -12.30 -15.67 9.06
N ASP B 223 -11.51 -15.82 8.00
CA ASP B 223 -10.67 -17.00 7.87
C ASP B 223 -9.50 -17.04 8.86
N ASN B 224 -9.19 -15.92 9.51
CA ASN B 224 -8.07 -15.90 10.46
C ASN B 224 -8.43 -15.40 11.85
N ALA B 225 -9.71 -15.49 12.22
CA ALA B 225 -10.16 -15.01 13.52
C ALA B 225 -9.27 -15.54 14.64
N GLU B 226 -8.75 -16.75 14.43
CA GLU B 226 -7.88 -17.41 15.40
C GLU B 226 -6.53 -16.70 15.58
N ASN B 227 -6.08 -16.02 14.52
CA ASN B 227 -4.79 -15.35 14.55
C ASN B 227 -4.75 -13.86 14.84
N VAL B 228 -5.90 -13.24 15.11
CA VAL B 228 -5.88 -11.82 15.41
C VAL B 228 -6.01 -11.60 16.91
N TYR B 229 -5.14 -10.76 17.46
CA TYR B 229 -5.11 -10.48 18.89
C TYR B 229 -5.20 -9.00 19.25
N VAL B 230 -5.22 -8.73 20.55
CA VAL B 230 -5.27 -7.37 21.07
C VAL B 230 -4.07 -7.22 21.97
N TRP B 231 -3.15 -6.34 21.62
CA TRP B 231 -1.95 -6.16 22.41
C TRP B 231 -2.30 -5.90 23.86
N LYS B 232 -1.93 -6.85 24.72
CA LYS B 232 -2.19 -6.78 26.16
C LYS B 232 -1.05 -6.15 26.94
N GLN B 233 0.00 -5.77 26.23
CA GLN B 233 1.14 -5.12 26.89
C GLN B 233 1.78 -5.99 27.96
N GLY B 234 1.70 -5.51 29.21
CA GLY B 234 2.27 -6.25 30.32
C GLY B 234 1.52 -7.54 30.59
N VAL B 235 1.59 -8.47 29.63
CA VAL B 235 0.93 -9.76 29.74
C VAL B 235 1.69 -10.77 28.88
N ASP B 236 1.66 -12.04 29.29
CA ASP B 236 2.33 -13.12 28.58
C ASP B 236 1.47 -13.72 27.47
N VAL B 237 2.10 -14.47 26.57
CA VAL B 237 1.41 -15.09 25.44
C VAL B 237 0.48 -16.23 25.90
N LYS B 238 0.56 -16.60 27.18
CA LYS B 238 -0.29 -17.66 27.71
C LYS B 238 -1.67 -17.11 28.09
N ALA B 239 -1.66 -15.92 28.69
CA ALA B 239 -2.89 -15.27 29.11
C ALA B 239 -3.45 -14.46 27.95
N MET B 240 -2.92 -14.72 26.75
CA MET B 240 -3.36 -14.04 25.53
C MET B 240 -4.26 -14.97 24.71
N THR B 241 -5.47 -14.51 24.46
CA THR B 241 -6.44 -15.28 23.71
C THR B 241 -6.86 -14.54 22.46
N SER B 242 -7.22 -15.29 21.43
CA SER B 242 -7.65 -14.73 20.16
C SER B 242 -8.84 -13.79 20.39
N ASN B 243 -8.98 -12.77 19.53
CA ASN B 243 -10.08 -11.82 19.61
C ASN B 243 -10.29 -11.05 18.32
N VAL B 244 -10.84 -11.72 17.32
CA VAL B 244 -11.07 -11.10 16.02
C VAL B 244 -11.94 -9.84 16.10
N ALA B 245 -12.94 -9.87 16.97
CA ALA B 245 -13.87 -8.73 17.08
C ALA B 245 -13.28 -7.44 17.64
N SER B 246 -11.95 -7.38 17.77
CA SER B 246 -11.32 -6.17 18.26
C SER B 246 -11.05 -5.27 17.08
N VAL B 247 -11.08 -5.85 15.89
CA VAL B 247 -10.88 -5.10 14.66
C VAL B 247 -12.30 -4.67 14.28
N GLN B 248 -12.58 -3.37 14.46
CA GLN B 248 -13.92 -2.83 14.22
C GLN B 248 -14.02 -1.56 13.37
N CYS B 249 -15.20 -1.36 12.77
CA CYS B 249 -15.46 -0.20 11.91
C CYS B 249 -15.50 1.10 12.71
N ASP B 250 -14.79 2.10 12.21
CA ASP B 250 -14.73 3.41 12.87
C ASP B 250 -14.34 3.17 14.30
N ASN B 251 -13.83 1.97 14.57
CA ASN B 251 -13.41 1.58 15.90
C ASN B 251 -14.61 1.61 16.85
N SER B 252 -15.81 1.62 16.26
CA SER B 252 -17.06 1.65 17.02
C SER B 252 -17.02 0.54 18.07
N ASP B 253 -16.87 -0.69 17.60
CA ASP B 253 -16.77 -1.88 18.44
C ASP B 253 -17.97 -2.79 18.47
N LYS B 254 -19.16 -2.27 18.19
CA LYS B 254 -20.30 -3.16 18.18
C LYS B 254 -20.61 -3.45 16.73
N PHE B 255 -19.68 -3.01 15.89
CA PHE B 255 -19.74 -3.20 14.44
C PHE B 255 -18.39 -3.80 14.06
N PRO B 256 -18.09 -5.01 14.56
CA PRO B 256 -16.82 -5.65 14.24
C PRO B 256 -16.70 -5.93 12.76
N VAL B 257 -15.82 -5.21 12.06
CA VAL B 257 -15.64 -5.49 10.66
C VAL B 257 -15.36 -6.98 10.67
N TYR B 258 -16.09 -7.74 9.86
CA TYR B 258 -15.98 -9.20 9.76
C TYR B 258 -17.37 -9.73 10.04
N LYS B 259 -18.12 -8.93 10.78
CA LYS B 259 -19.51 -9.21 11.15
C LYS B 259 -20.27 -8.17 10.33
N TYR B 260 -19.51 -7.43 9.53
CA TYR B 260 -20.03 -6.37 8.68
C TYR B 260 -20.80 -6.91 7.49
N PRO B 261 -22.09 -6.55 7.40
CA PRO B 261 -22.97 -6.99 6.31
C PRO B 261 -22.47 -6.57 4.95
N GLY B 262 -22.53 -5.27 4.68
CA GLY B 262 -22.10 -4.76 3.38
C GLY B 262 -23.23 -4.84 2.39
N LYS B 263 -24.42 -4.44 2.82
CA LYS B 263 -25.61 -4.47 1.97
C LYS B 263 -25.47 -3.61 0.72
N GLY B 264 -25.93 -4.15 -0.39
CA GLY B 264 -25.88 -3.42 -1.64
C GLY B 264 -24.56 -3.33 -2.34
N CYS B 265 -23.70 -4.34 -2.21
CA CYS B 265 -22.44 -4.27 -2.90
C CYS B 265 -22.14 -5.35 -3.93
N PRO B 266 -21.60 -4.92 -5.07
CA PRO B 266 -21.25 -5.80 -6.18
C PRO B 266 -20.64 -7.14 -5.79
N THR B 267 -21.41 -8.20 -5.97
CA THR B 267 -20.96 -9.54 -5.65
C THR B 267 -21.12 -10.35 -6.91
N LEU B 268 -20.99 -11.67 -6.81
CA LEU B 268 -21.10 -12.56 -7.98
C LEU B 268 -22.25 -12.24 -8.98
N GLY B 269 -22.10 -11.15 -9.75
CA GLY B 269 -23.11 -10.76 -10.73
C GLY B 269 -22.86 -11.49 -12.03
N ASP B 270 -22.12 -12.60 -11.92
CA ASP B 270 -21.76 -13.48 -13.05
C ASP B 270 -21.04 -12.80 -14.23
N GLU B 271 -19.80 -13.26 -14.44
CA GLU B 271 -18.90 -12.84 -15.50
C GLU B 271 -19.05 -11.42 -15.98
N GLY B 272 -18.77 -11.25 -17.27
CA GLY B 272 -18.87 -9.97 -17.93
C GLY B 272 -17.61 -9.15 -17.81
N ASP B 273 -17.83 -7.87 -17.59
CA ASP B 273 -16.77 -6.91 -17.46
C ASP B 273 -16.54 -6.63 -15.98
N THR B 274 -15.28 -6.57 -15.58
CA THR B 274 -14.92 -6.34 -14.21
C THR B 274 -13.52 -5.76 -14.18
N ASP B 275 -13.27 -4.90 -13.19
CA ASP B 275 -11.96 -4.30 -13.02
C ASP B 275 -11.44 -4.61 -11.62
N LEU B 276 -10.22 -4.18 -11.30
CA LEU B 276 -9.65 -4.46 -9.99
C LEU B 276 -10.50 -3.91 -8.85
N TYS B 277 -11.24 -2.83 -9.12
CA TYS B 277 -12.08 -2.19 -8.11
CB TYS B 277 -12.58 -0.83 -8.62
CG TYS B 277 -13.63 -0.17 -7.74
CD1 TYS B 277 -14.97 -0.11 -8.12
CD2 TYS B 277 -13.28 0.40 -6.51
CE1 TYS B 277 -15.93 0.50 -7.31
CE2 TYS B 277 -14.23 1.00 -5.69
CZ TYS B 277 -15.55 1.05 -6.10
OH TYS B 277 -16.48 1.69 -5.32
S TYS B 277 -17.23 1.09 -4.18
O1 TYS B 277 -18.29 2.02 -3.73
O2 TYS B 277 -17.86 -0.17 -4.67
O3 TYS B 277 -16.31 0.84 -3.05
C TYS B 277 -13.26 -3.04 -7.65
O TYS B 277 -13.48 -3.23 -6.45
N ASP B 278 -14.05 -3.54 -8.60
CA ASP B 278 -15.21 -4.32 -8.23
C ASP B 278 -15.11 -5.84 -8.26
N TYS B 279 -13.91 -6.41 -8.18
CA TYS B 279 -13.83 -7.87 -8.21
CB TYS B 279 -12.46 -8.33 -8.72
CG TYS B 279 -11.47 -8.80 -7.68
CD1 TYS B 279 -10.71 -7.90 -6.95
CD2 TYS B 279 -11.26 -10.16 -7.48
CE1 TYS B 279 -9.74 -8.35 -6.04
CE2 TYS B 279 -10.29 -10.63 -6.58
CZ TYS B 279 -9.54 -9.71 -5.88
OH TYS B 279 -8.54 -10.20 -5.06
S TYS B 279 -8.83 -10.58 -3.67
O1 TYS B 279 -9.00 -9.37 -2.85
O2 TYS B 279 -10.07 -11.40 -3.60
O3 TYS B 279 -7.69 -11.36 -3.14
C TYS B 279 -14.13 -8.44 -6.81
O TYS B 279 -13.88 -7.76 -5.81
N TYS B 280 -14.68 -9.65 -6.74
CA TYS B 280 -15.05 -10.25 -5.46
CB TYS B 280 -16.25 -11.21 -5.64
CG TYS B 280 -16.84 -11.68 -4.32
CD1 TYS B 280 -17.07 -10.76 -3.29
CD2 TYS B 280 -17.08 -13.04 -4.06
CE1 TYS B 280 -17.51 -11.17 -2.02
CE2 TYS B 280 -17.51 -13.48 -2.78
CZ TYS B 280 -17.71 -12.54 -1.76
OH TYS B 280 -18.11 -12.94 -0.48
S TYS B 280 -17.12 -13.11 0.65
O1 TYS B 280 -15.93 -13.89 0.18
O2 TYS B 280 -16.70 -11.77 1.14
O3 TYS B 280 -17.76 -13.85 1.80
C TYS B 280 -13.83 -10.98 -4.85
O TYS B 280 -12.94 -10.33 -4.28
N PRO B 281 -13.74 -12.31 -5.01
CA PRO B 281 -13.54 -13.80 -5.12
C PRO B 281 -14.30 -14.38 -6.35
PT PT C . -25.56 23.65 -2.49
PT PT D . -5.41 -11.33 -9.64
C ACY E . 9.80 8.84 -10.50
O ACY E . 10.08 7.72 -9.89
OXT ACY E . 9.37 8.99 -11.69
CH3 ACY E . 10.04 10.08 -9.64
C1 NAG F . -39.08 -1.68 -13.04
C2 NAG F . -39.51 -2.84 -12.11
C3 NAG F . -39.24 -4.21 -12.77
C4 NAG F . -39.84 -4.25 -14.19
C5 NAG F . -39.31 -3.08 -15.01
C6 NAG F . -39.86 -3.03 -16.42
C7 NAG F . -38.86 -3.73 -9.95
C8 NAG F . -37.74 -4.76 -9.96
N2 NAG F . -38.78 -2.75 -10.84
O3 NAG F . -39.83 -5.24 -11.97
O4 NAG F . -39.48 -5.48 -14.80
O5 NAG F . -39.67 -1.83 -14.35
O6 NAG F . -41.28 -3.07 -16.42
O7 NAG F . -39.77 -3.82 -9.13
C1 NAG G . -10.15 -0.16 -30.63
C2 NAG G . -10.40 0.66 -31.90
C3 NAG G . -11.73 0.22 -32.57
C4 NAG G . -11.79 -1.30 -32.72
C5 NAG G . -11.51 -1.97 -31.38
C6 NAG G . -11.52 -3.49 -31.47
C7 NAG G . -11.29 2.92 -32.10
C8 NAG G . -12.68 3.01 -31.48
N2 NAG G . -10.41 2.07 -31.56
O3 NAG G . -11.84 0.84 -33.84
O4 NAG G . -13.08 -1.68 -33.20
O5 NAG G . -10.22 -1.57 -30.89
O6 NAG G . -12.75 -3.98 -31.99
O7 NAG G . -11.00 3.63 -33.07
PT PT H . 0.75 -10.99 24.06
PT PT I . 40.18 1.06 13.93
C1 NAG J . -0.38 11.53 14.38
C2 NAG J . -0.54 11.85 15.87
C3 NAG J . -0.48 13.37 16.06
C4 NAG J . 0.78 13.96 15.42
C5 NAG J . 0.90 13.50 13.95
C6 NAG J . 2.20 13.93 13.30
C7 NAG J . -2.95 11.98 16.24
C8 NAG J . -3.82 11.61 15.05
N2 NAG J . -1.79 11.32 16.39
O3 NAG J . -0.50 13.69 17.45
O4 NAG J . 0.72 15.39 15.48
O5 NAG J . 0.86 12.06 13.89
O6 NAG J . 2.28 13.47 11.96
O7 NAG J . -3.32 12.85 17.04
S SO4 K . 19.53 -5.70 -1.45
O1 SO4 K . 20.14 -6.26 -0.23
O2 SO4 K . 20.61 -5.21 -2.34
O3 SO4 K . 18.76 -6.76 -2.13
O4 SO4 K . 18.63 -4.59 -1.10
#